data_4PPP
#
_entry.id   4PPP
#
_cell.length_a   54.190
_cell.length_b   81.930
_cell.length_c   58.470
_cell.angle_alpha   90.00
_cell.angle_beta   110.86
_cell.angle_gamma   90.00
#
_symmetry.space_group_name_H-M   'P 1 21 1'
#
loop_
_entity.id
_entity.type
_entity.pdbx_description
1 polymer 'Estrogen receptor'
2 polymer 'Nuclear receptor coactivator 2'
3 non-polymer 5-[(E)-2-(3-fluoro-4-hydroxyphenyl)ethenyl]benzene-1,3-diol
4 water water
#
loop_
_entity_poly.entity_id
_entity_poly.type
_entity_poly.pdbx_seq_one_letter_code
_entity_poly.pdbx_strand_id
1 'polypeptide(L)'
;SLALSLTADQMVSALLDAEPPILYSEYDPTRPFSEASMMGLLTNLADRELVHMINWAKRVPGFVDLTLHDQVHLLECAWL
EILMIGLVWRSMEHPGKLLFAPNLLLDRNQGKCVEGMVEIFDMLLATSSRFRMMNLQGEEFVCLKSIILLNSGVYTFLSS
TLKSLEEKDHIHRVLDKITDTLIHLMAKAGLTLQQQHQRLAQLLLILSHIRHMSNKGMEHLYSMKCKNVVPLSDLLLEML
DAHR
;
A,B
2 'polypeptide(L)' KILHRLLQD C,D
#
loop_
_chem_comp.id
_chem_comp.type
_chem_comp.name
_chem_comp.formula
FSV non-polymer 5-[(E)-2-(3-fluoro-4-hydroxyphenyl)ethenyl]benzene-1,3-diol 'C14 H11 F O3'
#
# COMPACT_ATOMS: atom_id res chain seq x y z
N SER A 1 14.88 22.24 -5.91
CA SER A 1 15.64 23.48 -5.95
C SER A 1 16.99 23.32 -5.24
N LEU A 2 17.01 22.57 -4.15
CA LEU A 2 18.23 22.39 -3.38
C LEU A 2 18.49 20.92 -3.04
N ALA A 3 17.42 20.13 -2.98
CA ALA A 3 17.53 18.73 -2.58
C ALA A 3 18.23 17.89 -3.63
N LEU A 4 18.02 18.22 -4.90
CA LEU A 4 18.57 17.44 -6.00
C LEU A 4 20.09 17.62 -6.09
N SER A 5 20.61 18.62 -5.38
CA SER A 5 22.03 18.96 -5.47
C SER A 5 22.86 18.32 -4.37
N LEU A 6 22.45 17.14 -3.91
CA LEU A 6 23.19 16.41 -2.88
C LEU A 6 23.76 15.10 -3.41
N THR A 7 24.85 14.64 -2.80
CA THR A 7 25.30 13.29 -3.03
C THR A 7 24.40 12.40 -2.17
N ALA A 8 24.56 11.08 -2.31
CA ALA A 8 23.73 10.18 -1.51
C ALA A 8 24.19 10.19 -0.04
N ASP A 9 25.49 10.28 0.18
CA ASP A 9 26.01 10.36 1.53
C ASP A 9 25.62 11.70 2.17
N GLN A 10 25.60 12.75 1.36
CA GLN A 10 25.10 14.04 1.81
C GLN A 10 23.60 13.92 2.10
N MET A 11 22.92 13.10 1.30
CA MET A 11 21.50 12.85 1.49
C MET A 11 21.24 12.02 2.75
N VAL A 12 22.08 11.03 2.97
CA VAL A 12 21.95 10.14 4.13
C VAL A 12 22.22 10.89 5.44
N SER A 13 23.31 11.65 5.47
CA SER A 13 23.68 12.42 6.66
C SER A 13 22.64 13.51 6.93
N ALA A 14 21.99 13.99 5.88
CA ALA A 14 20.92 14.97 6.03
C ALA A 14 19.73 14.34 6.74
N LEU A 15 19.43 13.09 6.38
CA LEU A 15 18.32 12.36 6.97
C LEU A 15 18.65 11.89 8.39
N LEU A 16 19.88 11.40 8.58
CA LEU A 16 20.30 10.88 9.88
C LEU A 16 20.34 11.98 10.94
N ASP A 17 20.75 13.18 10.54
N ASP A 17 20.74 13.18 10.52
CA ASP A 17 20.80 14.31 11.47
CA ASP A 17 20.80 14.31 11.43
C ASP A 17 19.40 14.79 11.83
C ASP A 17 19.41 14.78 11.83
N ALA A 18 18.45 14.57 10.93
CA ALA A 18 17.08 15.05 11.13
C ALA A 18 16.23 14.07 11.93
N GLU A 19 16.82 12.92 12.30
CA GLU A 19 16.09 11.89 13.02
C GLU A 19 15.47 12.40 14.32
N PRO A 20 14.16 12.19 14.48
CA PRO A 20 13.46 12.58 15.71
C PRO A 20 13.95 11.75 16.90
N PRO A 21 13.79 12.27 18.11
CA PRO A 21 14.24 11.54 19.30
C PRO A 21 13.31 10.43 19.72
N ILE A 22 13.79 9.53 20.59
CA ILE A 22 12.95 8.50 21.16
C ILE A 22 12.31 9.02 22.45
N LEU A 23 10.99 9.14 22.44
CA LEU A 23 10.27 9.70 23.57
C LEU A 23 9.89 8.62 24.58
N TYR A 24 9.62 9.04 25.81
CA TYR A 24 9.14 8.14 26.84
C TYR A 24 7.65 8.34 27.05
N SER A 25 7.01 7.41 27.74
CA SER A 25 5.63 7.57 28.13
C SER A 25 5.55 7.84 29.62
N GLU A 26 4.35 8.15 30.09
CA GLU A 26 4.12 8.38 31.52
C GLU A 26 3.93 7.08 32.30
N PHE A 33 -2.60 -2.74 33.23
CA PHE A 33 -3.18 -1.93 32.17
C PHE A 33 -4.63 -2.28 31.92
N SER A 34 -5.49 -1.26 31.90
CA SER A 34 -6.87 -1.44 31.48
C SER A 34 -6.97 -1.14 29.99
N GLU A 35 -8.17 -0.91 29.50
CA GLU A 35 -8.37 -0.57 28.10
C GLU A 35 -8.10 0.91 27.87
N ALA A 36 -8.71 1.75 28.69
CA ALA A 36 -8.60 3.19 28.55
C ALA A 36 -7.23 3.71 29.00
N SER A 37 -6.59 2.98 29.91
CA SER A 37 -5.28 3.36 30.41
C SER A 37 -4.21 3.23 29.33
N MET A 38 -4.18 2.06 28.69
CA MET A 38 -3.22 1.83 27.61
C MET A 38 -3.52 2.72 26.42
N MET A 39 -4.79 3.07 26.24
CA MET A 39 -5.19 3.95 25.15
C MET A 39 -4.72 5.38 25.39
N GLY A 40 -4.84 5.83 26.65
CA GLY A 40 -4.35 7.15 27.01
C GLY A 40 -2.87 7.28 26.76
N LEU A 41 -2.13 6.24 27.13
CA LEU A 41 -0.68 6.21 26.97
C LEU A 41 -0.26 6.33 25.50
N LEU A 42 -0.79 5.43 24.68
CA LEU A 42 -0.42 5.36 23.27
C LEU A 42 -0.80 6.62 22.49
N THR A 43 -1.96 7.19 22.77
CA THR A 43 -2.42 8.37 22.06
C THR A 43 -1.66 9.62 22.53
N ASN A 44 -1.34 9.67 23.82
CA ASN A 44 -0.52 10.76 24.35
C ASN A 44 0.88 10.70 23.74
N LEU A 45 1.41 9.48 23.63
CA LEU A 45 2.72 9.26 23.04
C LEU A 45 2.72 9.64 21.57
N ALA A 46 1.66 9.24 20.87
CA ALA A 46 1.53 9.53 19.44
C ALA A 46 1.44 11.04 19.19
N ASP A 47 0.75 11.73 20.09
CA ASP A 47 0.59 13.19 19.98
C ASP A 47 1.93 13.90 20.14
N ARG A 48 2.74 13.45 21.10
CA ARG A 48 4.04 14.04 21.33
C ARG A 48 5.01 13.69 20.20
N GLU A 49 4.89 12.48 19.67
CA GLU A 49 5.73 12.05 18.54
C GLU A 49 5.36 12.82 17.28
N LEU A 50 4.08 13.18 17.17
CA LEU A 50 3.58 13.93 16.02
C LEU A 50 4.27 15.28 15.89
N VAL A 51 4.46 15.96 17.02
CA VAL A 51 5.11 17.27 17.04
C VAL A 51 6.55 17.17 16.52
N HIS A 52 7.26 16.13 16.93
CA HIS A 52 8.63 15.91 16.48
C HIS A 52 8.69 15.58 14.99
N MET A 53 7.74 14.78 14.53
CA MET A 53 7.66 14.39 13.13
C MET A 53 7.54 15.60 12.21
N ILE A 54 6.68 16.54 12.59
CA ILE A 54 6.45 17.74 11.81
C ILE A 54 7.75 18.54 11.61
N ASN A 55 8.53 18.65 12.69
CA ASN A 55 9.81 19.34 12.62
C ASN A 55 10.87 18.48 11.92
N TRP A 56 10.66 17.17 11.93
CA TRP A 56 11.52 16.26 11.17
C TRP A 56 11.20 16.38 9.68
N ALA A 57 9.92 16.50 9.37
CA ALA A 57 9.46 16.61 7.98
C ALA A 57 10.05 17.86 7.32
N LYS A 58 10.20 18.93 8.09
CA LYS A 58 10.73 20.18 7.58
C LYS A 58 12.24 20.12 7.34
N ARG A 59 12.82 18.93 7.52
CA ARG A 59 14.25 18.75 7.29
C ARG A 59 14.54 17.69 6.22
N VAL A 60 13.50 16.98 5.80
CA VAL A 60 13.64 16.06 4.68
C VAL A 60 13.94 16.87 3.43
N PRO A 61 15.11 16.62 2.81
CA PRO A 61 15.60 17.39 1.65
C PRO A 61 14.55 17.59 0.56
N GLY A 62 14.14 18.83 0.36
CA GLY A 62 13.20 19.17 -0.70
C GLY A 62 11.77 19.30 -0.25
N PHE A 63 11.52 19.00 1.03
CA PHE A 63 10.17 19.07 1.57
C PHE A 63 9.72 20.52 1.75
N VAL A 64 10.68 21.38 2.07
CA VAL A 64 10.39 22.80 2.28
C VAL A 64 10.05 23.48 0.95
N ASP A 65 10.61 22.95 -0.13
CA ASP A 65 10.40 23.51 -1.46
C ASP A 65 8.93 23.41 -1.90
N LEU A 66 8.20 22.47 -1.30
CA LEU A 66 6.78 22.33 -1.57
C LEU A 66 5.99 23.45 -0.88
N THR A 67 4.81 23.76 -1.40
CA THR A 67 3.96 24.76 -0.79
C THR A 67 3.39 24.25 0.54
N LEU A 68 2.91 25.17 1.36
CA LEU A 68 2.45 24.82 2.70
C LEU A 68 1.24 23.90 2.66
N HIS A 69 0.43 24.04 1.61
CA HIS A 69 -0.75 23.19 1.44
C HIS A 69 -0.36 21.75 1.12
N ASP A 70 0.60 21.59 0.23
CA ASP A 70 1.08 20.26 -0.15
C ASP A 70 1.81 19.59 1.01
N GLN A 71 2.55 20.38 1.78
CA GLN A 71 3.22 19.88 2.97
C GLN A 71 2.20 19.31 3.95
N VAL A 72 1.09 20.03 4.11
CA VAL A 72 0.01 19.59 4.99
C VAL A 72 -0.61 18.29 4.50
N HIS A 73 -0.90 18.22 3.21
CA HIS A 73 -1.51 17.04 2.60
C HIS A 73 -0.67 15.78 2.84
N LEU A 74 0.62 15.87 2.54
CA LEU A 74 1.51 14.71 2.64
C LEU A 74 1.58 14.19 4.08
N LEU A 75 1.64 15.11 5.04
CA LEU A 75 1.70 14.73 6.45
C LEU A 75 0.35 14.19 6.93
N GLU A 76 -0.74 14.74 6.39
CA GLU A 76 -2.08 14.26 6.72
C GLU A 76 -2.28 12.83 6.25
N CYS A 77 -1.60 12.48 5.16
CA CYS A 77 -1.79 11.19 4.51
C CYS A 77 -0.89 10.10 5.12
N ALA A 78 0.28 10.49 5.59
CA ALA A 78 1.29 9.51 5.96
C ALA A 78 1.71 9.52 7.44
N TRP A 79 1.07 10.34 8.26
CA TRP A 79 1.49 10.51 9.64
C TRP A 79 1.45 9.21 10.44
N LEU A 80 0.42 8.39 10.21
CA LEU A 80 0.30 7.13 10.93
C LEU A 80 1.27 6.10 10.35
N GLU A 81 1.54 6.19 9.06
CA GLU A 81 2.53 5.33 8.41
C GLU A 81 3.92 5.59 8.99
N ILE A 82 4.34 6.86 8.94
CA ILE A 82 5.63 7.28 9.47
C ILE A 82 5.76 6.92 10.95
N LEU A 83 4.65 7.07 11.66
CA LEU A 83 4.59 6.71 13.07
C LEU A 83 4.86 5.21 13.25
N MET A 84 4.26 4.40 12.37
CA MET A 84 4.35 2.95 12.48
C MET A 84 5.70 2.39 12.06
N ILE A 85 6.26 2.89 10.97
CA ILE A 85 7.55 2.39 10.48
C ILE A 85 8.66 2.76 11.49
N GLY A 86 8.43 3.82 12.26
CA GLY A 86 9.35 4.20 13.30
C GLY A 86 9.29 3.21 14.46
N LEU A 87 8.07 2.87 14.87
CA LEU A 87 7.85 1.89 15.93
C LEU A 87 8.41 0.53 15.54
N VAL A 88 8.08 0.09 14.33
CA VAL A 88 8.57 -1.17 13.80
C VAL A 88 10.10 -1.21 13.81
N TRP A 89 10.71 -0.06 13.54
CA TRP A 89 12.16 0.07 13.55
C TRP A 89 12.75 -0.02 14.96
N ARG A 90 12.06 0.59 15.93
CA ARG A 90 12.50 0.54 17.31
C ARG A 90 12.40 -0.87 17.87
N SER A 91 11.29 -1.53 17.55
CA SER A 91 10.98 -2.85 18.08
C SER A 91 11.74 -3.95 17.34
N MET A 92 12.67 -3.55 16.49
CA MET A 92 13.42 -4.47 15.64
C MET A 92 14.19 -5.52 16.45
N GLU A 93 14.88 -5.08 17.49
CA GLU A 93 15.68 -5.99 18.29
C GLU A 93 14.99 -6.30 19.62
N HIS A 94 13.67 -6.33 19.57
CA HIS A 94 12.84 -6.82 20.66
C HIS A 94 11.76 -7.72 20.09
N PRO A 95 12.17 -8.92 19.61
CA PRO A 95 11.26 -9.82 18.88
C PRO A 95 10.04 -10.25 19.70
N GLY A 96 8.88 -10.24 19.08
CA GLY A 96 7.65 -10.61 19.76
C GLY A 96 7.11 -9.46 20.61
N LYS A 97 7.81 -8.33 20.55
CA LYS A 97 7.46 -7.16 21.35
C LYS A 97 7.43 -5.89 20.52
N LEU A 98 6.72 -4.88 21.01
CA LEU A 98 6.67 -3.57 20.35
C LEU A 98 7.19 -2.49 21.29
N LEU A 99 8.25 -1.81 20.88
CA LEU A 99 8.86 -0.77 21.69
C LEU A 99 8.28 0.60 21.37
N PHE A 100 7.11 0.89 21.93
CA PHE A 100 6.49 2.20 21.76
C PHE A 100 7.34 3.27 22.42
N ALA A 101 7.95 2.90 23.54
CA ALA A 101 8.84 3.78 24.28
C ALA A 101 9.80 2.91 25.07
N PRO A 102 10.97 3.45 25.45
CA PRO A 102 11.94 2.68 26.23
C PRO A 102 11.34 2.14 27.52
N ASN A 103 10.34 2.84 28.05
CA ASN A 103 9.65 2.41 29.26
C ASN A 103 8.30 1.78 28.94
N LEU A 104 8.00 1.63 27.66
CA LEU A 104 6.74 1.01 27.25
C LEU A 104 6.96 -0.08 26.21
N LEU A 105 7.36 -1.26 26.67
CA LEU A 105 7.55 -2.42 25.82
C LEU A 105 6.33 -3.34 25.95
N LEU A 106 5.65 -3.60 24.84
CA LEU A 106 4.37 -4.30 24.90
C LEU A 106 4.38 -5.68 24.23
N ASP A 107 3.44 -6.51 24.65
CA ASP A 107 3.31 -7.89 24.17
C ASP A 107 2.11 -8.04 23.25
N ARG A 108 2.09 -9.14 22.50
CA ARG A 108 0.93 -9.46 21.67
C ARG A 108 -0.28 -9.75 22.56
N ASN A 109 0.00 -10.32 23.72
CA ASN A 109 -1.06 -10.62 24.70
C ASN A 109 -1.60 -9.34 25.34
N GLN A 110 -0.73 -8.35 25.49
CA GLN A 110 -1.12 -7.07 26.08
C GLN A 110 -1.95 -6.25 25.10
N GLY A 111 -1.87 -6.61 23.81
CA GLY A 111 -2.67 -5.95 22.79
C GLY A 111 -4.13 -6.35 22.89
N LYS A 112 -4.39 -7.42 23.63
CA LYS A 112 -5.76 -7.92 23.82
C LYS A 112 -6.49 -7.12 24.89
N CYS A 113 -5.82 -6.15 25.48
CA CYS A 113 -6.43 -5.28 26.48
C CYS A 113 -7.34 -4.25 25.80
N VAL A 114 -7.29 -4.20 24.48
CA VAL A 114 -8.09 -3.26 23.70
C VAL A 114 -8.73 -3.93 22.49
N GLU A 115 -10.01 -3.65 22.27
CA GLU A 115 -10.77 -4.22 21.17
C GLU A 115 -10.12 -4.02 19.80
N GLY A 116 -9.79 -5.13 19.14
CA GLY A 116 -9.27 -5.10 17.79
C GLY A 116 -7.84 -4.58 17.69
N MET A 117 -7.21 -4.37 18.83
CA MET A 117 -5.84 -3.88 18.87
C MET A 117 -4.85 -4.99 18.50
N VAL A 118 -5.11 -6.19 19.00
CA VAL A 118 -4.24 -7.35 18.81
C VAL A 118 -4.02 -7.66 17.33
N GLU A 119 -5.04 -7.40 16.52
CA GLU A 119 -4.96 -7.66 15.08
C GLU A 119 -3.87 -6.82 14.42
N ILE A 120 -3.84 -5.54 14.77
CA ILE A 120 -2.86 -4.61 14.23
C ILE A 120 -1.49 -4.86 14.85
N PHE A 121 -1.49 -5.39 16.07
CA PHE A 121 -0.25 -5.75 16.75
C PHE A 121 0.54 -6.80 15.96
N ASP A 122 -0.15 -7.85 15.55
CA ASP A 122 0.48 -8.94 14.80
C ASP A 122 1.05 -8.47 13.47
N MET A 123 0.35 -7.53 12.83
CA MET A 123 0.84 -6.95 11.58
C MET A 123 2.11 -6.15 11.83
N LEU A 124 2.12 -5.39 12.92
CA LEU A 124 3.30 -4.61 13.30
C LEU A 124 4.45 -5.53 13.67
N LEU A 125 4.13 -6.59 14.42
CA LEU A 125 5.13 -7.57 14.82
C LEU A 125 5.70 -8.30 13.62
N ALA A 126 4.84 -8.59 12.64
CA ALA A 126 5.26 -9.27 11.42
C ALA A 126 6.21 -8.39 10.61
N THR A 127 5.95 -7.09 10.61
CA THR A 127 6.79 -6.15 9.89
C THR A 127 8.16 -6.04 10.56
N SER A 128 8.15 -5.94 11.88
CA SER A 128 9.39 -5.88 12.66
C SER A 128 10.21 -7.14 12.47
N SER A 129 9.53 -8.28 12.39
CA SER A 129 10.19 -9.55 12.13
C SER A 129 10.83 -9.53 10.74
N ARG A 130 10.11 -8.96 9.77
CA ARG A 130 10.58 -8.89 8.40
C ARG A 130 11.83 -8.00 8.29
N PHE A 131 11.81 -6.87 9.00
CA PHE A 131 12.95 -5.97 9.02
C PHE A 131 14.18 -6.67 9.61
N ARG A 132 13.93 -7.51 10.61
CA ARG A 132 15.00 -8.27 11.26
C ARG A 132 15.57 -9.30 10.31
N MET A 133 14.68 -9.97 9.56
CA MET A 133 15.09 -10.98 8.61
C MET A 133 15.91 -10.38 7.48
N MET A 134 15.49 -9.21 7.02
CA MET A 134 16.18 -8.51 5.94
C MET A 134 17.43 -7.78 6.44
N ASN A 135 17.57 -7.71 7.76
CA ASN A 135 18.65 -6.97 8.40
C ASN A 135 18.69 -5.52 7.89
N LEU A 136 17.59 -4.80 8.12
CA LEU A 136 17.46 -3.43 7.65
C LEU A 136 18.47 -2.50 8.32
N GLN A 137 19.07 -1.62 7.53
CA GLN A 137 20.05 -0.67 8.06
C GLN A 137 19.40 0.67 8.37
N GLY A 138 20.03 1.42 9.28
CA GLY A 138 19.51 2.71 9.69
C GLY A 138 19.49 3.71 8.55
N GLU A 139 20.46 3.59 7.65
CA GLU A 139 20.53 4.46 6.48
C GLU A 139 19.43 4.12 5.50
N GLU A 140 19.05 2.84 5.45
CA GLU A 140 17.95 2.38 4.61
C GLU A 140 16.61 2.79 5.22
N PHE A 141 16.55 2.75 6.56
CA PHE A 141 15.33 3.08 7.28
C PHE A 141 14.89 4.52 7.05
N VAL A 142 15.83 5.45 7.22
CA VAL A 142 15.53 6.87 7.07
C VAL A 142 15.15 7.21 5.62
N CYS A 143 15.58 6.38 4.68
CA CYS A 143 15.22 6.58 3.28
C CYS A 143 13.77 6.19 3.03
N LEU A 144 13.38 5.02 3.54
CA LEU A 144 12.02 4.53 3.39
C LEU A 144 11.02 5.47 4.08
N LYS A 145 11.39 5.94 5.26
CA LYS A 145 10.54 6.86 6.01
C LYS A 145 10.31 8.15 5.24
N SER A 146 11.34 8.60 4.54
CA SER A 146 11.24 9.79 3.71
C SER A 146 10.40 9.51 2.47
N ILE A 147 10.55 8.32 1.90
CA ILE A 147 9.79 7.92 0.73
C ILE A 147 8.29 7.94 1.02
N ILE A 148 7.90 7.38 2.16
CA ILE A 148 6.51 7.38 2.59
C ILE A 148 5.94 8.80 2.66
N LEU A 149 6.73 9.71 3.22
CA LEU A 149 6.33 11.11 3.36
C LEU A 149 6.03 11.75 2.01
N LEU A 150 6.87 11.48 1.02
CA LEU A 150 6.75 12.08 -0.30
C LEU A 150 5.76 11.35 -1.21
N ASN A 151 5.55 10.07 -0.96
CA ASN A 151 4.78 9.24 -1.89
C ASN A 151 3.32 8.99 -1.50
N SER A 152 3.07 8.81 -0.21
CA SER A 152 1.75 8.37 0.26
C SER A 152 0.61 9.32 -0.11
N GLY A 153 0.93 10.60 -0.32
CA GLY A 153 -0.09 11.58 -0.64
C GLY A 153 0.06 12.24 -1.99
N VAL A 154 1.06 11.79 -2.76
CA VAL A 154 1.39 12.41 -4.04
C VAL A 154 0.35 12.10 -5.12
N TYR A 155 -0.43 11.04 -4.93
CA TYR A 155 -1.44 10.66 -5.92
C TYR A 155 -2.75 11.40 -5.68
N THR A 156 -3.15 11.52 -4.42
CA THR A 156 -4.38 12.21 -4.07
C THR A 156 -4.21 13.73 -4.13
N PHE A 157 -3.90 14.22 -5.33
CA PHE A 157 -3.72 15.64 -5.57
C PHE A 157 -4.79 16.13 -6.54
N LYS A 168 4.26 18.17 -8.43
CA LYS A 168 4.27 16.71 -8.52
C LYS A 168 5.53 16.23 -9.23
N ASP A 169 5.91 16.93 -10.29
CA ASP A 169 7.12 16.60 -11.05
C ASP A 169 8.36 16.71 -10.17
N HIS A 170 8.31 17.63 -9.21
CA HIS A 170 9.43 17.83 -8.29
C HIS A 170 9.52 16.71 -7.27
N ILE A 171 8.37 16.33 -6.71
CA ILE A 171 8.30 15.29 -5.68
C ILE A 171 8.87 13.97 -6.23
N HIS A 172 8.55 13.67 -7.49
CA HIS A 172 9.06 12.47 -8.14
C HIS A 172 10.58 12.54 -8.31
N ARG A 173 11.08 13.74 -8.61
CA ARG A 173 12.53 13.95 -8.74
C ARG A 173 13.23 13.67 -7.42
N VAL A 174 12.65 14.17 -6.33
CA VAL A 174 13.17 13.90 -5.00
C VAL A 174 13.04 12.41 -4.68
N LEU A 175 11.89 11.84 -5.02
CA LEU A 175 11.65 10.41 -4.83
C LEU A 175 12.66 9.57 -5.61
N ASP A 176 12.89 9.93 -6.86
CA ASP A 176 13.86 9.23 -7.70
C ASP A 176 15.27 9.35 -7.13
N LYS A 177 15.55 10.46 -6.44
CA LYS A 177 16.87 10.69 -5.88
C LYS A 177 17.11 9.83 -4.65
N ILE A 178 16.06 9.62 -3.86
CA ILE A 178 16.13 8.75 -2.69
C ILE A 178 16.32 7.31 -3.16
N THR A 179 15.74 6.98 -4.31
CA THR A 179 15.95 5.68 -4.94
C THR A 179 17.43 5.51 -5.29
N ASP A 180 18.01 6.55 -5.88
CA ASP A 180 19.44 6.55 -6.20
C ASP A 180 20.26 6.40 -4.92
N THR A 181 19.80 7.06 -3.87
CA THR A 181 20.48 7.00 -2.56
C THR A 181 20.42 5.59 -2.00
N LEU A 182 19.26 4.97 -2.09
CA LEU A 182 19.07 3.60 -1.62
C LEU A 182 20.00 2.62 -2.33
N ILE A 183 20.12 2.79 -3.64
CA ILE A 183 20.97 1.92 -4.45
C ILE A 183 22.45 2.12 -4.12
N HIS A 184 22.83 3.36 -3.87
CA HIS A 184 24.21 3.68 -3.50
C HIS A 184 24.61 2.92 -2.24
N LEU A 185 23.71 2.89 -1.26
CA LEU A 185 23.95 2.19 -0.01
C LEU A 185 24.20 0.69 -0.25
N MET A 186 23.35 0.09 -1.08
CA MET A 186 23.43 -1.33 -1.37
C MET A 186 24.69 -1.68 -2.16
N ALA A 187 24.98 -0.87 -3.20
CA ALA A 187 26.18 -1.06 -4.00
C ALA A 187 27.43 -0.87 -3.14
N LYS A 188 27.33 0.03 -2.16
CA LYS A 188 28.40 0.25 -1.19
C LYS A 188 28.59 -0.97 -0.30
N ALA A 189 27.49 -1.66 -0.02
CA ALA A 189 27.50 -2.81 0.88
C ALA A 189 28.09 -4.05 0.21
N GLY A 190 28.43 -3.92 -1.06
CA GLY A 190 29.05 -5.01 -1.81
C GLY A 190 28.06 -5.97 -2.43
N LEU A 191 26.84 -5.49 -2.66
CA LEU A 191 25.81 -6.31 -3.28
C LEU A 191 25.95 -6.29 -4.81
N THR A 192 25.69 -7.44 -5.43
CA THR A 192 25.70 -7.53 -6.89
C THR A 192 24.53 -6.73 -7.45
N LEU A 193 24.60 -6.40 -8.74
CA LEU A 193 23.57 -5.63 -9.42
C LEU A 193 22.18 -6.23 -9.20
N GLN A 194 22.10 -7.56 -9.28
CA GLN A 194 20.85 -8.27 -9.11
C GLN A 194 20.34 -8.15 -7.67
N GLN A 195 21.24 -8.32 -6.71
CA GLN A 195 20.90 -8.25 -5.30
C GLN A 195 20.37 -6.86 -4.92
N GLN A 196 20.82 -5.84 -5.64
CA GLN A 196 20.39 -4.48 -5.40
C GLN A 196 18.94 -4.28 -5.86
N HIS A 197 18.65 -4.77 -7.06
CA HIS A 197 17.30 -4.70 -7.60
C HIS A 197 16.31 -5.42 -6.69
N GLN A 198 16.65 -6.63 -6.30
CA GLN A 198 15.78 -7.47 -5.48
C GLN A 198 15.55 -6.87 -4.10
N ARG A 199 16.62 -6.35 -3.49
CA ARG A 199 16.49 -5.75 -2.16
C ARG A 199 15.70 -4.44 -2.23
N LEU A 200 15.94 -3.65 -3.27
CA LEU A 200 15.16 -2.43 -3.49
C LEU A 200 13.69 -2.75 -3.61
N ALA A 201 13.38 -3.79 -4.37
CA ALA A 201 12.00 -4.24 -4.55
C ALA A 201 11.41 -4.75 -3.25
N GLN A 202 12.19 -5.55 -2.53
CA GLN A 202 11.78 -6.10 -1.24
C GLN A 202 11.41 -5.00 -0.25
N LEU A 203 12.20 -3.94 -0.22
CA LEU A 203 11.96 -2.81 0.68
C LEU A 203 10.67 -2.08 0.34
N LEU A 204 10.51 -1.71 -0.92
CA LEU A 204 9.37 -0.90 -1.34
C LEU A 204 8.05 -1.67 -1.29
N LEU A 205 8.15 -3.00 -1.24
CA LEU A 205 6.95 -3.82 -1.11
C LEU A 205 6.44 -3.81 0.33
N ILE A 206 7.33 -3.55 1.28
CA ILE A 206 6.95 -3.42 2.69
C ILE A 206 6.00 -2.23 2.86
N LEU A 207 6.28 -1.16 2.12
CA LEU A 207 5.51 0.07 2.22
C LEU A 207 4.03 -0.14 1.85
N SER A 208 3.78 -1.14 1.02
CA SER A 208 2.41 -1.53 0.69
C SER A 208 1.72 -2.11 1.92
N HIS A 209 2.46 -2.90 2.69
CA HIS A 209 1.94 -3.49 3.92
C HIS A 209 1.80 -2.44 5.02
N ILE A 210 2.73 -1.49 5.05
CA ILE A 210 2.70 -0.42 6.04
C ILE A 210 1.50 0.49 5.79
N ARG A 211 1.17 0.71 4.53
CA ARG A 211 -0.02 1.47 4.17
C ARG A 211 -1.27 0.76 4.68
N HIS A 212 -1.28 -0.57 4.57
CA HIS A 212 -2.40 -1.38 5.00
C HIS A 212 -2.62 -1.29 6.51
N MET A 213 -1.53 -1.32 7.26
CA MET A 213 -1.61 -1.20 8.71
C MET A 213 -2.09 0.19 9.10
N SER A 214 -1.66 1.20 8.35
CA SER A 214 -2.08 2.58 8.60
C SER A 214 -3.58 2.73 8.46
N ASN A 215 -4.14 2.19 7.38
CA ASN A 215 -5.57 2.28 7.13
C ASN A 215 -6.38 1.50 8.18
N LYS A 216 -5.88 0.32 8.54
CA LYS A 216 -6.50 -0.47 9.60
C LYS A 216 -6.37 0.24 10.95
N GLY A 217 -5.23 0.90 11.14
CA GLY A 217 -4.99 1.65 12.36
C GLY A 217 -5.81 2.92 12.41
N MET A 218 -6.08 3.48 11.24
CA MET A 218 -6.83 4.73 11.12
C MET A 218 -8.28 4.53 11.57
N GLU A 219 -8.92 3.46 11.09
CA GLU A 219 -10.31 3.20 11.43
C GLU A 219 -10.48 2.72 12.87
N HIS A 220 -9.50 1.96 13.37
CA HIS A 220 -9.52 1.51 14.76
C HIS A 220 -9.44 2.71 15.68
N LEU A 221 -8.63 3.68 15.28
CA LEU A 221 -8.50 4.94 15.99
C LEU A 221 -9.82 5.70 15.98
N TYR A 222 -10.52 5.60 14.87
CA TYR A 222 -11.79 6.31 14.67
C TYR A 222 -12.94 5.67 15.43
N SER A 223 -12.82 4.36 15.66
CA SER A 223 -13.85 3.62 16.40
C SER A 223 -13.78 3.93 17.89
N MET A 224 -12.59 4.28 18.36
CA MET A 224 -12.41 4.73 19.74
C MET A 224 -12.88 6.16 19.88
N LYS A 225 -12.86 6.89 18.77
CA LYS A 225 -13.57 8.16 18.68
C LYS A 225 -15.05 7.81 18.57
N CYS A 226 -15.93 8.81 18.66
CA CYS A 226 -17.37 8.57 18.71
C CYS A 226 -17.70 7.70 19.92
N LYS A 227 -17.47 6.39 19.78
CA LYS A 227 -17.56 5.48 20.92
C LYS A 227 -16.42 5.78 21.89
N ASN A 228 -16.58 6.85 22.65
CA ASN A 228 -15.50 7.41 23.46
C ASN A 228 -14.94 6.47 24.52
N VAL A 229 -13.62 6.32 24.52
CA VAL A 229 -12.92 5.54 25.53
C VAL A 229 -11.94 6.43 26.26
N VAL A 230 -11.10 7.13 25.49
CA VAL A 230 -10.16 8.09 26.04
C VAL A 230 -10.20 9.35 25.16
N PRO A 231 -10.14 10.54 25.77
CA PRO A 231 -10.09 11.77 24.97
C PRO A 231 -8.82 11.86 24.14
N LEU A 232 -8.93 12.46 22.95
CA LEU A 232 -7.78 12.61 22.07
C LEU A 232 -7.41 14.07 21.90
N SER A 233 -6.10 14.33 21.79
CA SER A 233 -5.61 15.69 21.62
C SER A 233 -6.12 16.30 20.31
N ASP A 234 -6.21 17.62 20.28
CA ASP A 234 -6.76 18.34 19.13
C ASP A 234 -5.92 18.13 17.88
N LEU A 235 -4.60 18.06 18.04
CA LEU A 235 -3.72 17.79 16.91
C LEU A 235 -3.97 16.41 16.35
N LEU A 236 -4.18 15.44 17.23
CA LEU A 236 -4.41 14.06 16.83
C LEU A 236 -5.75 13.91 16.11
N LEU A 237 -6.77 14.59 16.63
CA LEU A 237 -8.09 14.57 16.01
C LEU A 237 -8.08 15.24 14.65
N GLU A 238 -7.19 16.22 14.48
CA GLU A 238 -7.05 16.92 13.20
C GLU A 238 -6.50 15.99 12.13
N MET A 239 -5.41 15.29 12.47
CA MET A 239 -4.80 14.34 11.54
C MET A 239 -5.77 13.20 11.22
N LEU A 240 -6.58 12.83 12.21
CA LEU A 240 -7.52 11.73 12.07
C LEU A 240 -8.72 12.11 11.18
N ASP A 241 -9.03 13.40 11.14
CA ASP A 241 -10.18 13.87 10.36
C ASP A 241 -9.81 14.06 8.88
N ALA A 242 -8.53 14.11 8.58
CA ALA A 242 -8.08 14.21 7.20
C ALA A 242 -8.40 12.92 6.45
N HIS A 243 -8.47 11.82 7.20
CA HIS A 243 -8.85 10.54 6.64
C HIS A 243 -10.32 10.25 6.89
N ARG A 244 -11.17 11.21 6.47
CA ARG A 244 -12.62 11.15 6.63
C ARG A 244 -13.05 11.18 8.09
N SER B 5 12.25 -21.62 -12.71
CA SER B 5 13.00 -22.25 -13.78
C SER B 5 12.62 -21.68 -15.14
N LEU B 6 12.27 -20.39 -15.17
CA LEU B 6 11.88 -19.72 -16.40
C LEU B 6 12.81 -18.56 -16.71
N THR B 7 12.93 -18.24 -17.99
CA THR B 7 13.56 -16.98 -18.39
C THR B 7 12.52 -15.89 -18.17
N ALA B 8 12.91 -14.64 -18.33
CA ALA B 8 11.97 -13.54 -18.14
C ALA B 8 10.97 -13.50 -19.29
N ASP B 9 11.43 -13.82 -20.50
CA ASP B 9 10.53 -13.89 -21.65
C ASP B 9 9.54 -15.01 -21.46
N GLN B 10 10.02 -16.16 -20.99
CA GLN B 10 9.16 -17.28 -20.65
C GLN B 10 8.19 -16.89 -19.53
N MET B 11 8.68 -16.06 -18.61
CA MET B 11 7.87 -15.55 -17.52
C MET B 11 6.78 -14.61 -18.04
N VAL B 12 7.16 -13.70 -18.93
CA VAL B 12 6.25 -12.72 -19.49
C VAL B 12 5.16 -13.38 -20.34
N SER B 13 5.58 -14.30 -21.21
CA SER B 13 4.65 -15.01 -22.08
C SER B 13 3.71 -15.90 -21.25
N ALA B 14 4.20 -16.37 -20.11
CA ALA B 14 3.37 -17.15 -19.20
C ALA B 14 2.26 -16.27 -18.62
N LEU B 15 2.63 -15.05 -18.25
CA LEU B 15 1.68 -14.10 -17.70
C LEU B 15 0.72 -13.56 -18.75
N LEU B 16 1.26 -13.20 -19.91
CA LEU B 16 0.46 -12.64 -20.99
C LEU B 16 -0.59 -13.63 -21.51
N ASP B 17 -0.24 -14.91 -21.51
CA ASP B 17 -1.18 -15.94 -21.96
C ASP B 17 -2.27 -16.18 -20.92
N ALA B 18 -1.96 -15.90 -19.66
CA ALA B 18 -2.87 -16.18 -18.56
C ALA B 18 -3.86 -15.04 -18.35
N GLU B 19 -3.70 -13.96 -19.11
CA GLU B 19 -4.53 -12.77 -18.98
C GLU B 19 -6.02 -13.07 -19.08
N PRO B 20 -6.79 -12.65 -18.06
CA PRO B 20 -8.25 -12.80 -18.06
C PRO B 20 -8.88 -11.93 -19.14
N PRO B 21 -10.08 -12.30 -19.61
CA PRO B 21 -10.74 -11.54 -20.67
C PRO B 21 -11.38 -10.25 -20.18
N ILE B 22 -11.75 -9.38 -21.11
CA ILE B 22 -12.50 -8.18 -20.79
C ILE B 22 -13.99 -8.47 -20.89
N LEU B 23 -14.68 -8.41 -19.75
CA LEU B 23 -16.10 -8.75 -19.71
C LEU B 23 -16.99 -7.55 -20.00
N TYR B 24 -18.24 -7.82 -20.35
CA TYR B 24 -19.23 -6.77 -20.55
C TYR B 24 -20.21 -6.76 -19.39
N SER B 25 -21.03 -5.72 -19.32
CA SER B 25 -22.11 -5.68 -18.34
C SER B 25 -23.45 -5.69 -19.07
N GLU B 26 -24.52 -5.93 -18.33
CA GLU B 26 -25.86 -5.95 -18.91
C GLU B 26 -26.39 -4.52 -19.08
N TYR B 27 -25.52 -3.54 -18.84
CA TYR B 27 -25.88 -2.13 -18.95
C TYR B 27 -26.40 -1.77 -20.33
N ASP B 28 -27.50 -1.02 -20.35
CA ASP B 28 -28.12 -0.55 -21.58
C ASP B 28 -28.26 0.96 -21.56
N PRO B 29 -27.33 1.67 -22.22
CA PRO B 29 -27.26 3.14 -22.22
C PRO B 29 -28.48 3.84 -22.82
N THR B 30 -29.68 3.31 -22.57
CA THR B 30 -30.91 3.93 -23.02
C THR B 30 -31.58 4.66 -21.87
N ARG B 31 -31.37 4.14 -20.67
CA ARG B 31 -31.89 4.76 -19.46
C ARG B 31 -30.72 5.23 -18.57
N PRO B 32 -30.94 6.31 -17.82
CA PRO B 32 -29.89 6.81 -16.91
C PRO B 32 -29.64 5.86 -15.74
N PHE B 33 -28.78 6.27 -14.82
CA PHE B 33 -28.43 5.41 -13.69
C PHE B 33 -28.82 6.01 -12.35
N SER B 34 -29.33 5.16 -11.46
CA SER B 34 -29.58 5.55 -10.08
C SER B 34 -28.41 5.13 -9.23
N GLU B 35 -28.65 4.98 -7.93
CA GLU B 35 -27.62 4.50 -7.01
C GLU B 35 -27.57 2.98 -7.03
N ALA B 36 -28.73 2.36 -6.86
CA ALA B 36 -28.83 0.91 -6.78
C ALA B 36 -28.59 0.24 -8.13
N SER B 37 -28.94 0.95 -9.22
CA SER B 37 -28.77 0.42 -10.57
C SER B 37 -27.29 0.30 -10.92
N MET B 38 -26.55 1.38 -10.72
CA MET B 38 -25.12 1.40 -10.99
C MET B 38 -24.39 0.45 -10.03
N MET B 39 -24.94 0.30 -8.83
CA MET B 39 -24.34 -0.60 -7.85
C MET B 39 -24.52 -2.06 -8.26
N GLY B 40 -25.70 -2.39 -8.78
CA GLY B 40 -25.97 -3.73 -9.26
C GLY B 40 -25.03 -4.11 -10.39
N LEU B 41 -24.79 -3.16 -11.29
CA LEU B 41 -23.94 -3.39 -12.45
C LEU B 41 -22.50 -3.67 -12.06
N LEU B 42 -21.93 -2.80 -11.21
CA LEU B 42 -20.54 -2.90 -10.82
C LEU B 42 -20.24 -4.16 -10.00
N THR B 43 -21.16 -4.51 -9.11
CA THR B 43 -20.98 -5.68 -8.25
C THR B 43 -21.21 -6.98 -9.02
N ASN B 44 -22.13 -6.96 -9.96
CA ASN B 44 -22.36 -8.09 -10.85
C ASN B 44 -21.14 -8.30 -11.74
N LEU B 45 -20.56 -7.20 -12.20
CA LEU B 45 -19.35 -7.22 -13.03
C LEU B 45 -18.16 -7.72 -12.22
N ALA B 46 -18.05 -7.24 -10.98
CA ALA B 46 -16.95 -7.62 -10.10
C ALA B 46 -17.01 -9.11 -9.74
N ASP B 47 -18.22 -9.64 -9.64
CA ASP B 47 -18.40 -11.05 -9.31
C ASP B 47 -17.96 -11.94 -10.46
N ARG B 48 -18.30 -11.55 -11.68
CA ARG B 48 -17.94 -12.31 -12.87
C ARG B 48 -16.43 -12.22 -13.14
N GLU B 49 -15.85 -11.07 -12.85
CA GLU B 49 -14.41 -10.89 -13.01
C GLU B 49 -13.65 -11.69 -11.96
N LEU B 50 -14.23 -11.82 -10.78
CA LEU B 50 -13.64 -12.60 -9.70
C LEU B 50 -13.39 -14.05 -10.11
N VAL B 51 -14.35 -14.64 -10.80
CA VAL B 51 -14.24 -16.01 -11.26
C VAL B 51 -13.06 -16.19 -12.22
N HIS B 52 -12.92 -15.25 -13.14
CA HIS B 52 -11.82 -15.28 -14.11
C HIS B 52 -10.47 -15.08 -13.42
N MET B 53 -10.43 -14.20 -12.43
CA MET B 53 -9.21 -13.94 -11.68
C MET B 53 -8.67 -15.19 -11.01
N ILE B 54 -9.58 -15.96 -10.39
CA ILE B 54 -9.21 -17.18 -9.69
C ILE B 54 -8.52 -18.17 -10.62
N ASN B 55 -9.03 -18.31 -11.83
CA ASN B 55 -8.43 -19.20 -12.82
C ASN B 55 -7.17 -18.57 -13.45
N TRP B 56 -7.07 -17.25 -13.37
CA TRP B 56 -5.86 -16.55 -13.77
C TRP B 56 -4.80 -16.73 -12.71
N ALA B 57 -5.22 -16.69 -11.45
CA ALA B 57 -4.31 -16.84 -10.32
C ALA B 57 -3.61 -18.19 -10.35
N LYS B 58 -4.34 -19.22 -10.79
CA LYS B 58 -3.79 -20.57 -10.86
C LYS B 58 -2.81 -20.74 -12.02
N ARG B 59 -2.53 -19.66 -12.73
CA ARG B 59 -1.60 -19.71 -13.86
C ARG B 59 -0.38 -18.82 -13.63
N VAL B 60 -0.41 -18.03 -12.57
CA VAL B 60 0.76 -17.24 -12.18
C VAL B 60 1.86 -18.20 -11.73
N PRO B 61 3.00 -18.18 -12.43
CA PRO B 61 4.12 -19.10 -12.20
C PRO B 61 4.52 -19.24 -10.74
N GLY B 62 4.26 -20.42 -10.18
CA GLY B 62 4.65 -20.71 -8.80
C GLY B 62 3.49 -20.65 -7.82
N PHE B 63 2.34 -20.15 -8.28
CA PHE B 63 1.17 -20.00 -7.41
C PHE B 63 0.59 -21.35 -7.02
N VAL B 64 0.63 -22.29 -7.95
CA VAL B 64 0.11 -23.64 -7.71
C VAL B 64 0.96 -24.38 -6.68
N ASP B 65 2.24 -24.05 -6.64
CA ASP B 65 3.18 -24.68 -5.71
C ASP B 65 2.82 -24.41 -4.26
N LEU B 66 2.00 -23.38 -4.03
CA LEU B 66 1.51 -23.06 -2.70
C LEU B 66 0.36 -23.97 -2.30
N THR B 67 0.16 -24.14 -1.00
CA THR B 67 -0.95 -24.94 -0.49
C THR B 67 -2.27 -24.21 -0.74
N LEU B 68 -3.37 -24.95 -0.68
CA LEU B 68 -4.70 -24.39 -0.96
C LEU B 68 -5.06 -23.28 0.03
N HIS B 69 -4.59 -23.39 1.26
CA HIS B 69 -4.88 -22.41 2.30
C HIS B 69 -4.17 -21.09 2.03
N ASP B 70 -2.91 -21.15 1.62
CA ASP B 70 -2.16 -19.94 1.30
C ASP B 70 -2.68 -19.29 0.03
N GLN B 71 -3.11 -20.12 -0.93
CA GLN B 71 -3.71 -19.62 -2.16
C GLN B 71 -4.98 -18.83 -1.84
N VAL B 72 -5.76 -19.36 -0.91
CA VAL B 72 -6.98 -18.70 -0.46
C VAL B 72 -6.68 -17.37 0.21
N HIS B 73 -5.69 -17.36 1.10
CA HIS B 73 -5.31 -16.16 1.84
C HIS B 73 -4.90 -15.02 0.91
N LEU B 74 -3.99 -15.32 -0.03
CA LEU B 74 -3.47 -14.29 -0.92
C LEU B 74 -4.57 -13.66 -1.77
N LEU B 75 -5.46 -14.50 -2.30
CA LEU B 75 -6.57 -14.02 -3.11
C LEU B 75 -7.59 -13.26 -2.26
N GLU B 76 -7.76 -13.70 -1.02
CA GLU B 76 -8.67 -13.02 -0.09
C GLU B 76 -8.20 -11.60 0.17
N CYS B 77 -6.88 -11.41 0.20
CA CYS B 77 -6.30 -10.15 0.62
C CYS B 77 -6.11 -9.17 -0.54
N ALA B 78 -5.98 -9.69 -1.76
CA ALA B 78 -5.60 -8.86 -2.90
C ALA B 78 -6.62 -8.81 -4.02
N TRP B 79 -7.79 -9.41 -3.83
CA TRP B 79 -8.76 -9.52 -4.91
C TRP B 79 -9.25 -8.15 -5.41
N LEU B 80 -9.51 -7.23 -4.49
CA LEU B 80 -9.97 -5.90 -4.88
C LEU B 80 -8.84 -5.09 -5.47
N GLU B 81 -7.62 -5.35 -5.00
CA GLU B 81 -6.42 -4.71 -5.56
C GLU B 81 -6.21 -5.11 -7.01
N ILE B 82 -6.14 -6.43 -7.24
CA ILE B 82 -5.98 -6.97 -8.58
C ILE B 82 -7.11 -6.53 -9.49
N LEU B 83 -8.32 -6.48 -8.92
CA LEU B 83 -9.48 -5.96 -9.62
C LEU B 83 -9.22 -4.53 -10.07
N MET B 84 -8.84 -3.66 -9.13
CA MET B 84 -8.67 -2.24 -9.41
C MET B 84 -7.54 -1.93 -10.39
N ILE B 85 -6.42 -2.62 -10.27
CA ILE B 85 -5.29 -2.36 -11.16
C ILE B 85 -5.62 -2.80 -12.59
N GLY B 86 -6.56 -3.72 -12.72
CA GLY B 86 -7.06 -4.13 -14.02
C GLY B 86 -7.88 -3.03 -14.66
N LEU B 87 -8.73 -2.40 -13.85
CA LEU B 87 -9.55 -1.27 -14.30
C LEU B 87 -8.67 -0.10 -14.73
N VAL B 88 -7.76 0.27 -13.84
CA VAL B 88 -6.83 1.36 -14.08
C VAL B 88 -6.06 1.14 -15.39
N TRP B 89 -5.74 -0.12 -15.66
CA TRP B 89 -5.05 -0.49 -16.89
C TRP B 89 -5.95 -0.36 -18.12
N ARG B 90 -7.21 -0.75 -18.00
CA ARG B 90 -8.16 -0.63 -19.09
C ARG B 90 -8.46 0.83 -19.40
N SER B 91 -8.64 1.62 -18.34
CA SER B 91 -9.04 3.01 -18.46
C SER B 91 -7.86 3.92 -18.80
N MET B 92 -6.73 3.31 -19.12
CA MET B 92 -5.49 4.03 -19.39
C MET B 92 -5.63 5.02 -20.54
N GLU B 93 -6.21 4.58 -21.64
CA GLU B 93 -6.36 5.45 -22.81
C GLU B 93 -7.79 5.98 -22.92
N HIS B 94 -8.41 6.20 -21.77
CA HIS B 94 -9.68 6.91 -21.69
C HIS B 94 -9.61 7.92 -20.55
N PRO B 95 -8.83 9.00 -20.74
CA PRO B 95 -8.54 9.99 -19.70
C PRO B 95 -9.80 10.61 -19.10
N GLY B 96 -9.84 10.72 -17.77
CA GLY B 96 -10.98 11.27 -17.08
C GLY B 96 -12.14 10.30 -17.02
N LYS B 97 -11.90 9.07 -17.47
CA LYS B 97 -12.93 8.05 -17.50
C LYS B 97 -12.44 6.72 -16.95
N LEU B 98 -13.38 5.89 -16.51
CA LEU B 98 -13.05 4.56 -16.02
C LEU B 98 -13.76 3.49 -16.84
N LEU B 99 -12.99 2.66 -17.52
CA LEU B 99 -13.54 1.61 -18.39
C LEU B 99 -13.78 0.33 -17.61
N PHE B 100 -14.89 0.27 -16.88
CA PHE B 100 -15.26 -0.95 -16.15
C PHE B 100 -15.57 -2.07 -17.13
N ALA B 101 -16.18 -1.70 -18.25
CA ALA B 101 -16.48 -2.62 -19.32
C ALA B 101 -16.50 -1.84 -20.64
N PRO B 102 -16.27 -2.52 -21.77
CA PRO B 102 -16.31 -1.83 -23.07
C PRO B 102 -17.63 -1.09 -23.30
N ASN B 103 -18.70 -1.57 -22.69
CA ASN B 103 -19.99 -0.91 -22.77
C ASN B 103 -20.31 -0.10 -21.52
N LEU B 104 -19.39 -0.11 -20.56
CA LEU B 104 -19.57 0.64 -19.32
C LEU B 104 -18.41 1.60 -19.06
N LEU B 105 -18.44 2.75 -19.70
CA LEU B 105 -17.43 3.79 -19.52
C LEU B 105 -18.00 4.90 -18.64
N LEU B 106 -17.37 5.15 -17.50
CA LEU B 106 -17.95 6.05 -16.51
C LEU B 106 -17.16 7.33 -16.28
N ASP B 107 -17.86 8.35 -15.80
CA ASP B 107 -17.28 9.66 -15.54
C ASP B 107 -17.05 9.88 -14.04
N ARG B 108 -16.27 10.90 -13.71
CA ARG B 108 -16.12 11.31 -12.32
C ARG B 108 -17.45 11.81 -11.79
N ASN B 109 -18.20 12.47 -12.66
CA ASN B 109 -19.51 13.01 -12.31
C ASN B 109 -20.53 11.91 -12.05
N GLN B 110 -20.41 10.82 -12.80
CA GLN B 110 -21.33 9.69 -12.66
C GLN B 110 -21.05 8.92 -11.39
N GLY B 111 -19.86 9.10 -10.83
CA GLY B 111 -19.49 8.47 -9.58
C GLY B 111 -20.24 9.07 -8.40
N LYS B 112 -20.83 10.23 -8.61
CA LYS B 112 -21.58 10.92 -7.56
C LYS B 112 -23.02 10.41 -7.48
N CYS B 113 -23.33 9.40 -8.28
CA CYS B 113 -24.63 8.73 -8.20
C CYS B 113 -24.67 7.78 -7.01
N VAL B 114 -23.51 7.59 -6.39
CA VAL B 114 -23.38 6.72 -5.23
C VAL B 114 -22.60 7.43 -4.12
N GLU B 115 -23.10 7.34 -2.90
CA GLU B 115 -22.48 8.00 -1.75
C GLU B 115 -21.06 7.52 -1.50
N GLY B 116 -20.11 8.45 -1.57
CA GLY B 116 -18.71 8.17 -1.26
C GLY B 116 -17.95 7.44 -2.37
N MET B 117 -18.62 7.23 -3.51
CA MET B 117 -18.00 6.54 -4.63
C MET B 117 -17.06 7.47 -5.41
N VAL B 118 -17.41 8.75 -5.46
CA VAL B 118 -16.65 9.74 -6.22
C VAL B 118 -15.23 9.89 -5.69
N GLU B 119 -15.06 9.75 -4.37
CA GLU B 119 -13.74 9.86 -3.75
C GLU B 119 -12.81 8.77 -4.26
N ILE B 120 -13.32 7.56 -4.35
CA ILE B 120 -12.54 6.42 -4.83
C ILE B 120 -12.31 6.53 -6.34
N PHE B 121 -13.25 7.17 -7.03
CA PHE B 121 -13.13 7.42 -8.46
C PHE B 121 -11.90 8.24 -8.81
N ASP B 122 -11.73 9.36 -8.11
CA ASP B 122 -10.60 10.26 -8.35
C ASP B 122 -9.26 9.56 -8.12
N MET B 123 -9.20 8.71 -7.10
CA MET B 123 -8.00 7.94 -6.83
C MET B 123 -7.70 6.98 -7.97
N LEU B 124 -8.74 6.30 -8.46
CA LEU B 124 -8.60 5.41 -9.60
C LEU B 124 -8.21 6.19 -10.85
N LEU B 125 -8.83 7.35 -11.02
CA LEU B 125 -8.53 8.23 -12.15
C LEU B 125 -7.09 8.74 -12.08
N ALA B 126 -6.65 9.05 -10.87
CA ALA B 126 -5.30 9.55 -10.65
C ALA B 126 -4.26 8.47 -10.96
N THR B 127 -4.60 7.22 -10.62
CA THR B 127 -3.72 6.10 -10.89
C THR B 127 -3.64 5.83 -12.39
N SER B 128 -4.79 5.93 -13.06
CA SER B 128 -4.84 5.76 -14.51
C SER B 128 -4.04 6.84 -15.21
N SER B 129 -4.14 8.06 -14.69
CA SER B 129 -3.38 9.18 -15.21
C SER B 129 -1.88 8.94 -15.02
N ARG B 130 -1.52 8.36 -13.88
CA ARG B 130 -0.12 8.08 -13.57
C ARG B 130 0.46 7.02 -14.50
N PHE B 131 -0.32 5.97 -14.77
CA PHE B 131 0.10 4.93 -15.70
C PHE B 131 0.31 5.50 -17.09
N ARG B 132 -0.51 6.47 -17.45
CA ARG B 132 -0.42 7.12 -18.75
C ARG B 132 0.85 7.96 -18.84
N MET B 133 1.15 8.67 -17.77
CA MET B 133 2.34 9.53 -17.71
C MET B 133 3.61 8.69 -17.78
N MET B 134 3.62 7.57 -17.06
CA MET B 134 4.76 6.67 -17.04
C MET B 134 4.84 5.84 -18.32
N ASN B 135 3.74 5.84 -19.08
CA ASN B 135 3.62 5.00 -20.27
C ASN B 135 3.85 3.54 -19.93
N LEU B 136 3.00 3.00 -19.06
CA LEU B 136 3.12 1.63 -18.60
C LEU B 136 2.93 0.63 -19.75
N GLN B 137 3.74 -0.41 -19.76
CA GLN B 137 3.65 -1.43 -20.80
C GLN B 137 2.85 -2.63 -20.30
N GLY B 138 2.28 -3.39 -21.23
CA GLY B 138 1.48 -4.55 -20.90
C GLY B 138 2.29 -5.62 -20.19
N GLU B 139 3.56 -5.74 -20.57
CA GLU B 139 4.47 -6.70 -19.94
C GLU B 139 4.77 -6.28 -18.50
N GLU B 140 4.86 -4.97 -18.28
CA GLU B 140 5.06 -4.44 -16.95
C GLU B 140 3.79 -4.59 -16.10
N PHE B 141 2.65 -4.45 -16.76
CA PHE B 141 1.36 -4.53 -16.08
C PHE B 141 1.10 -5.91 -15.49
N VAL B 142 1.31 -6.94 -16.29
CA VAL B 142 1.07 -8.31 -15.84
C VAL B 142 2.04 -8.73 -14.75
N CYS B 143 3.19 -8.06 -14.68
CA CYS B 143 4.17 -8.32 -13.64
C CYS B 143 3.69 -7.75 -12.31
N LEU B 144 3.28 -6.49 -12.32
CA LEU B 144 2.78 -5.83 -11.12
C LEU B 144 1.55 -6.54 -10.56
N LYS B 145 0.67 -6.98 -11.46
CA LYS B 145 -0.54 -7.68 -11.06
C LYS B 145 -0.21 -8.99 -10.36
N SER B 146 0.86 -9.64 -10.81
CA SER B 146 1.34 -10.87 -10.18
C SER B 146 2.02 -10.57 -8.85
N ILE B 147 2.69 -9.43 -8.79
CA ILE B 147 3.36 -9.00 -7.56
C ILE B 147 2.35 -8.78 -6.45
N ILE B 148 1.26 -8.09 -6.77
CA ILE B 148 0.18 -7.83 -5.81
C ILE B 148 -0.39 -9.13 -5.26
N LEU B 149 -0.57 -10.12 -6.13
CA LEU B 149 -1.11 -11.42 -5.74
C LEU B 149 -0.20 -12.13 -4.74
N LEU B 150 1.10 -12.05 -4.98
CA LEU B 150 2.07 -12.76 -4.15
C LEU B 150 2.48 -11.99 -2.90
N ASN B 151 2.36 -10.66 -2.93
CA ASN B 151 2.90 -9.83 -1.86
C ASN B 151 1.89 -9.32 -0.84
N SER B 152 0.69 -8.98 -1.31
CA SER B 152 -0.30 -8.29 -0.46
C SER B 152 -0.74 -9.10 0.77
N GLY B 153 -0.55 -10.41 0.73
CA GLY B 153 -0.97 -11.25 1.83
C GLY B 153 0.15 -12.05 2.47
N VAL B 154 1.38 -11.86 1.97
CA VAL B 154 2.51 -12.65 2.43
C VAL B 154 2.94 -12.30 3.86
N TYR B 155 2.52 -11.12 4.33
CA TYR B 155 2.90 -10.68 5.67
C TYR B 155 1.95 -11.20 6.73
N THR B 156 0.66 -11.18 6.43
CA THR B 156 -0.36 -11.64 7.37
C THR B 156 -0.43 -13.17 7.41
N PHE B 157 0.69 -13.81 7.74
CA PHE B 157 0.75 -15.26 7.85
C PHE B 157 0.94 -15.70 9.29
N LYS B 163 3.93 -22.65 12.35
CA LYS B 163 5.33 -22.73 11.94
C LYS B 163 5.53 -23.85 10.92
N SER B 164 6.81 -24.18 10.70
CA SER B 164 7.32 -25.10 9.65
C SER B 164 7.49 -24.35 8.33
N LEU B 165 6.38 -24.05 7.67
CA LEU B 165 6.33 -23.19 6.49
C LEU B 165 7.40 -23.47 5.44
N GLU B 166 8.42 -22.60 5.44
CA GLU B 166 9.43 -22.53 4.38
C GLU B 166 8.78 -22.15 3.04
N GLU B 167 7.54 -21.67 3.11
CA GLU B 167 6.75 -21.35 1.92
C GLU B 167 6.84 -19.86 1.61
N LYS B 168 6.94 -19.05 2.67
CA LYS B 168 7.20 -17.62 2.54
C LYS B 168 8.50 -17.39 1.81
N ASP B 169 9.50 -18.21 2.15
CA ASP B 169 10.79 -18.17 1.50
C ASP B 169 10.64 -18.44 0.01
N HIS B 170 9.67 -19.29 -0.34
CA HIS B 170 9.38 -19.58 -1.73
C HIS B 170 8.68 -18.41 -2.42
N ILE B 171 7.72 -17.83 -1.73
CA ILE B 171 6.97 -16.68 -2.22
C ILE B 171 7.88 -15.50 -2.55
N HIS B 172 8.90 -15.27 -1.73
CA HIS B 172 9.85 -14.20 -1.98
C HIS B 172 10.76 -14.53 -3.16
N ARG B 173 10.89 -15.83 -3.44
CA ARG B 173 11.78 -16.30 -4.50
C ARG B 173 11.23 -15.94 -5.88
N VAL B 174 9.96 -16.23 -6.08
CA VAL B 174 9.26 -15.88 -7.31
C VAL B 174 9.07 -14.37 -7.39
N LEU B 175 8.78 -13.76 -6.25
CA LEU B 175 8.71 -12.31 -6.12
C LEU B 175 10.01 -11.66 -6.61
N ASP B 176 11.14 -12.19 -6.14
CA ASP B 176 12.44 -11.70 -6.58
C ASP B 176 12.66 -11.98 -8.06
N LYS B 177 12.03 -13.03 -8.56
CA LYS B 177 12.17 -13.43 -9.96
C LYS B 177 11.35 -12.51 -10.87
N ILE B 178 10.20 -12.07 -10.38
CA ILE B 178 9.38 -11.11 -11.12
C ILE B 178 10.09 -9.75 -11.13
N THR B 179 10.84 -9.47 -10.08
CA THR B 179 11.67 -8.27 -10.03
C THR B 179 12.75 -8.34 -11.11
N ASP B 180 13.38 -9.51 -11.22
CA ASP B 180 14.37 -9.74 -12.28
C ASP B 180 13.72 -9.59 -13.65
N THR B 181 12.50 -10.08 -13.77
CA THR B 181 11.76 -10.01 -15.03
C THR B 181 11.45 -8.58 -15.41
N LEU B 182 11.02 -7.79 -14.42
CA LEU B 182 10.74 -6.37 -14.64
C LEU B 182 11.98 -5.63 -15.13
N ILE B 183 13.13 -5.91 -14.53
CA ILE B 183 14.37 -5.25 -14.88
C ILE B 183 14.82 -5.63 -16.29
N HIS B 184 14.62 -6.90 -16.65
CA HIS B 184 14.96 -7.37 -18.00
C HIS B 184 14.20 -6.58 -19.05
N LEU B 185 12.92 -6.35 -18.80
CA LEU B 185 12.08 -5.57 -19.71
C LEU B 185 12.63 -4.16 -19.89
N MET B 186 12.93 -3.50 -18.78
CA MET B 186 13.45 -2.13 -18.81
C MET B 186 14.81 -2.06 -19.47
N ALA B 187 15.70 -3.00 -19.14
CA ALA B 187 17.01 -3.06 -19.75
C ALA B 187 16.90 -3.35 -21.25
N LYS B 188 15.92 -4.17 -21.62
CA LYS B 188 15.63 -4.45 -23.02
C LYS B 188 15.15 -3.19 -23.74
N ALA B 189 14.41 -2.35 -23.01
CA ALA B 189 13.84 -1.14 -23.59
C ALA B 189 14.91 -0.09 -23.90
N GLY B 190 16.11 -0.30 -23.39
CA GLY B 190 17.22 0.59 -23.64
C GLY B 190 17.41 1.65 -22.57
N LEU B 191 16.93 1.35 -21.36
CA LEU B 191 17.08 2.26 -20.23
C LEU B 191 18.45 2.07 -19.57
N THR B 192 19.03 3.17 -19.11
CA THR B 192 20.29 3.11 -18.37
C THR B 192 20.05 2.43 -17.03
N LEU B 193 21.14 1.99 -16.39
CA LEU B 193 21.06 1.33 -15.09
C LEU B 193 20.27 2.14 -14.08
N GLN B 194 20.51 3.45 -14.08
CA GLN B 194 19.83 4.36 -13.17
C GLN B 194 18.34 4.46 -13.47
N GLN B 195 18.01 4.56 -14.76
CA GLN B 195 16.63 4.67 -15.19
C GLN B 195 15.82 3.43 -14.83
N GLN B 196 16.49 2.29 -14.78
CA GLN B 196 15.84 1.03 -14.43
C GLN B 196 15.47 1.00 -12.95
N HIS B 197 16.42 1.39 -12.11
CA HIS B 197 16.20 1.48 -10.66
C HIS B 197 15.03 2.40 -10.35
N GLN B 198 15.06 3.59 -10.92
CA GLN B 198 14.05 4.61 -10.66
C GLN B 198 12.67 4.18 -11.14
N ARG B 199 12.61 3.62 -12.34
CA ARG B 199 11.34 3.16 -12.90
C ARG B 199 10.78 1.98 -12.10
N LEU B 200 11.67 1.07 -11.69
CA LEU B 200 11.28 -0.03 -10.83
C LEU B 200 10.67 0.50 -9.54
N ALA B 201 11.33 1.48 -8.95
CA ALA B 201 10.86 2.11 -7.73
C ALA B 201 9.52 2.79 -7.94
N GLN B 202 9.43 3.56 -9.02
CA GLN B 202 8.20 4.27 -9.37
C GLN B 202 7.01 3.32 -9.48
N LEU B 203 7.23 2.16 -10.10
CA LEU B 203 6.16 1.18 -10.27
C LEU B 203 5.69 0.60 -8.95
N LEU B 204 6.64 0.19 -8.11
CA LEU B 204 6.30 -0.48 -6.85
C LEU B 204 5.69 0.49 -5.84
N LEU B 205 5.91 1.78 -6.04
CA LEU B 205 5.31 2.79 -5.18
C LEU B 205 3.83 2.98 -5.49
N ILE B 206 3.45 2.67 -6.73
CA ILE B 206 2.05 2.72 -7.13
C ILE B 206 1.23 1.72 -6.31
N LEU B 207 1.83 0.56 -6.07
CA LEU B 207 1.16 -0.52 -5.36
C LEU B 207 0.76 -0.12 -3.94
N SER B 208 1.50 0.83 -3.37
CA SER B 208 1.16 1.39 -2.07
C SER B 208 -0.16 2.16 -2.17
N HIS B 209 -0.31 2.92 -3.26
CA HIS B 209 -1.52 3.68 -3.50
C HIS B 209 -2.69 2.76 -3.85
N ILE B 210 -2.39 1.69 -4.58
CA ILE B 210 -3.40 0.72 -4.98
C ILE B 210 -3.95 -0.01 -3.76
N ARG B 211 -3.06 -0.30 -2.82
CA ARG B 211 -3.47 -0.91 -1.55
C ARG B 211 -4.42 0.03 -0.79
N HIS B 212 -4.14 1.32 -0.89
CA HIS B 212 -4.94 2.33 -0.21
C HIS B 212 -6.34 2.42 -0.80
N MET B 213 -6.44 2.36 -2.11
CA MET B 213 -7.73 2.38 -2.79
C MET B 213 -8.53 1.14 -2.44
N SER B 214 -7.84 0.00 -2.36
CA SER B 214 -8.48 -1.26 -2.02
C SER B 214 -9.11 -1.20 -0.63
N ASN B 215 -8.36 -0.71 0.35
CA ASN B 215 -8.84 -0.60 1.71
C ASN B 215 -10.02 0.36 1.82
N LYS B 216 -9.94 1.48 1.10
CA LYS B 216 -11.03 2.43 1.03
C LYS B 216 -12.22 1.83 0.31
N GLY B 217 -11.95 1.10 -0.76
CA GLY B 217 -12.99 0.44 -1.53
C GLY B 217 -13.62 -0.69 -0.74
N MET B 218 -12.81 -1.36 0.07
CA MET B 218 -13.26 -2.48 0.88
C MET B 218 -14.30 -2.04 1.91
N GLU B 219 -13.99 -0.97 2.62
CA GLU B 219 -14.89 -0.43 3.64
C GLU B 219 -16.14 0.18 3.01
N HIS B 220 -16.04 0.63 1.77
CA HIS B 220 -17.16 1.27 1.08
C HIS B 220 -18.30 0.31 0.81
N LEU B 221 -18.03 -0.72 0.00
CA LEU B 221 -19.05 -1.69 -0.37
C LEU B 221 -19.41 -2.59 0.82
N TYR B 222 -18.70 -2.44 1.92
CA TYR B 222 -19.09 -3.07 3.18
C TYR B 222 -20.25 -2.30 3.78
N SER B 223 -20.20 -0.98 3.65
CA SER B 223 -21.28 -0.12 4.12
C SER B 223 -22.54 -0.43 3.33
N MET B 224 -22.37 -0.70 2.05
CA MET B 224 -23.49 -1.06 1.18
C MET B 224 -24.15 -2.36 1.63
N LYS B 225 -23.33 -3.30 2.08
CA LYS B 225 -23.83 -4.56 2.60
C LYS B 225 -24.67 -4.33 3.85
N CYS B 226 -24.25 -3.35 4.65
CA CYS B 226 -24.98 -3.01 5.86
C CYS B 226 -26.12 -2.01 5.58
N LYS B 227 -25.91 -1.13 4.61
CA LYS B 227 -26.94 -0.18 4.23
C LYS B 227 -28.03 -0.87 3.41
N ASN B 228 -27.68 -2.04 2.89
CA ASN B 228 -28.61 -2.86 2.11
C ASN B 228 -29.21 -2.10 0.93
N VAL B 229 -28.39 -1.82 -0.06
CA VAL B 229 -28.82 -1.09 -1.25
C VAL B 229 -29.08 -2.05 -2.40
N VAL B 230 -28.08 -2.87 -2.70
CA VAL B 230 -28.21 -3.90 -3.73
C VAL B 230 -27.65 -5.22 -3.19
N PRO B 231 -28.33 -6.33 -3.49
CA PRO B 231 -27.84 -7.65 -3.08
C PRO B 231 -26.45 -7.95 -3.64
N LEU B 232 -25.63 -8.65 -2.87
CA LEU B 232 -24.30 -9.03 -3.34
C LEU B 232 -24.17 -10.54 -3.44
N SER B 233 -23.50 -11.00 -4.49
CA SER B 233 -23.31 -12.43 -4.72
C SER B 233 -22.57 -13.08 -3.55
N ASP B 234 -22.82 -14.37 -3.35
CA ASP B 234 -22.25 -15.10 -2.22
C ASP B 234 -20.72 -15.15 -2.28
N LEU B 235 -20.17 -15.22 -3.48
CA LEU B 235 -18.73 -15.22 -3.65
C LEU B 235 -18.15 -13.87 -3.25
N LEU B 236 -18.85 -12.79 -3.61
CA LEU B 236 -18.41 -11.44 -3.31
C LEU B 236 -18.47 -11.16 -1.81
N LEU B 237 -19.51 -11.66 -1.16
CA LEU B 237 -19.67 -11.50 0.28
C LEU B 237 -18.60 -12.28 1.04
N GLU B 238 -18.14 -13.38 0.44
CA GLU B 238 -17.08 -14.19 1.04
C GLU B 238 -15.76 -13.45 1.04
N MET B 239 -15.40 -12.89 -0.13
CA MET B 239 -14.16 -12.13 -0.27
C MET B 239 -14.20 -10.89 0.63
N LEU B 240 -15.40 -10.38 0.87
CA LEU B 240 -15.58 -9.17 1.65
C LEU B 240 -15.48 -9.45 3.15
N ASP B 241 -15.80 -10.68 3.55
CA ASP B 241 -15.78 -11.04 4.97
C ASP B 241 -14.37 -11.41 5.44
N ALA B 242 -13.48 -11.67 4.49
CA ALA B 242 -12.08 -11.92 4.82
C ALA B 242 -11.45 -10.64 5.37
N HIS B 243 -11.99 -9.50 4.95
CA HIS B 243 -11.60 -8.20 5.48
C HIS B 243 -12.57 -7.77 6.57
N ARG B 244 -12.85 -8.69 7.50
CA ARG B 244 -13.82 -8.46 8.58
C ARG B 244 -15.20 -8.11 8.03
N LYS C 1 -5.48 25.65 11.05
CA LYS C 1 -5.19 24.40 11.74
C LYS C 1 -3.86 24.47 12.49
N ILE C 2 -3.76 23.71 13.57
CA ILE C 2 -2.55 23.69 14.39
C ILE C 2 -1.36 23.14 13.60
N LEU C 3 -1.63 22.23 12.66
CA LEU C 3 -0.61 21.67 11.79
C LEU C 3 0.13 22.76 11.01
N HIS C 4 -0.60 23.80 10.64
CA HIS C 4 0.01 24.95 9.96
C HIS C 4 1.06 25.62 10.84
N ARG C 5 0.68 25.89 12.09
CA ARG C 5 1.53 26.60 13.04
C ARG C 5 2.84 25.86 13.32
N LEU C 6 2.75 24.55 13.47
CA LEU C 6 3.93 23.72 13.72
C LEU C 6 4.86 23.77 12.52
N LEU C 7 4.28 23.80 11.32
CA LEU C 7 5.05 23.91 10.09
C LEU C 7 5.62 25.32 9.93
N LYS D 1 -16.95 -22.82 1.94
CA LYS D 1 -16.51 -21.59 1.30
C LYS D 1 -16.43 -21.76 -0.22
N ILE D 2 -16.86 -20.73 -0.94
CA ILE D 2 -16.89 -20.78 -2.40
C ILE D 2 -15.50 -20.73 -2.99
N LEU D 3 -14.67 -19.84 -2.47
CA LEU D 3 -13.28 -19.72 -2.90
C LEU D 3 -12.54 -21.03 -2.64
N HIS D 4 -12.84 -21.62 -1.49
CA HIS D 4 -12.31 -22.93 -1.12
C HIS D 4 -12.66 -23.98 -2.16
N ARG D 5 -13.89 -23.94 -2.63
CA ARG D 5 -14.32 -24.79 -3.74
C ARG D 5 -13.71 -24.37 -5.08
N LEU D 6 -13.89 -23.12 -5.51
CA LEU D 6 -13.47 -22.66 -6.84
C LEU D 6 -11.99 -22.88 -7.18
N LEU D 7 -11.14 -22.88 -6.15
CA LEU D 7 -9.73 -23.12 -6.38
C LEU D 7 -9.43 -24.60 -6.57
N GLN D 8 -10.26 -25.46 -5.97
CA GLN D 8 -10.04 -26.91 -6.03
C GLN D 8 -10.39 -27.50 -7.40
N ASP D 9 -11.25 -26.79 -8.13
CA ASP D 9 -11.70 -27.25 -9.45
C ASP D 9 -10.54 -27.38 -10.42
O01 FSV E . -5.42 4.23 18.82
O01 FSV E . 4.01 3.64 15.58
C02 FSV E . -4.53 3.35 18.17
C02 FSV E . 3.34 4.28 16.64
C03 FSV E . -3.20 3.70 18.02
C03 FSV E . 2.01 4.00 16.88
C04 FSV E . -2.33 2.82 17.38
C04 FSV E . 1.35 4.62 17.92
C05 FSV E . -0.87 3.21 17.22
C05 FSV E . -0.10 4.31 18.17
C06 FSV E . -0.34 4.09 18.09
C06 FSV E . -0.72 3.40 17.40
C07 FSV E . 1.11 4.49 17.97
C07 FSV E . -2.21 3.21 17.52
C08 FSV E . 1.65 5.34 18.92
C08 FSV E . -2.95 4.14 18.24
C09 FSV E . 2.99 5.71 18.82
C09 FSV E . -4.33 3.97 18.36
C10 FSV E . 3.76 5.24 17.78
C10 FSV E . -4.95 2.90 17.75
O11 FSV E . 5.11 5.62 17.68
O11 FSV E . -6.33 2.73 17.86
C12 FSV E . 3.21 4.39 16.83
C12 FSV E . -4.20 1.99 17.03
F13 FSV E . 3.96 3.93 15.83
F13 FSV E . -4.80 0.94 16.44
C14 FSV E . 1.89 4.01 16.93
C14 FSV E . -2.82 2.14 16.92
C15 FSV E . -2.79 1.61 16.89
C15 FSV E . 2.02 5.54 18.72
C16 FSV E . -4.12 1.28 17.05
C16 FSV E . 3.36 5.82 18.48
O17 FSV E . -4.59 0.05 16.55
O17 FSV E . 4.03 6.73 19.30
C18 FSV E . -4.99 2.15 17.69
C18 FSV E . 4.02 5.19 17.43
O01 FSV F . -11.41 -2.47 -10.76
C02 FSV F . -12.72 -2.92 -10.72
C03 FSV F . -13.56 -2.38 -9.81
C04 FSV F . -14.84 -2.80 -9.75
C05 FSV F . -15.76 -2.19 -8.73
C06 FSV F . -15.23 -1.68 -7.60
C07 FSV F . -16.14 -1.15 -6.55
C08 FSV F . -17.35 -1.76 -6.40
C09 FSV F . -18.24 -1.31 -5.44
C10 FSV F . -17.91 -0.25 -4.66
O11 FSV F . -18.80 0.23 -3.69
C12 FSV F . -16.70 0.35 -4.83
F13 FSV F . -16.42 1.37 -4.06
C14 FSV F . -15.80 -0.08 -5.78
C15 FSV F . -15.28 -3.77 -10.59
C16 FSV F . -14.40 -4.32 -11.50
O17 FSV F . -14.78 -5.31 -12.38
C18 FSV F . -13.11 -3.90 -11.57
#